data_1OWS
#
_entry.id   1OWS
#
_cell.length_a   77.656
_cell.length_b   77.656
_cell.length_c   68.424
_cell.angle_alpha   90.00
_cell.angle_beta   90.00
_cell.angle_gamma   90.00
#
_symmetry.space_group_name_H-M   'P 41 21 2'
#
loop_
_entity.id
_entity.type
_entity.pdbx_description
1 polymer 'Phospholipase A2'
2 polymer 'Phospholipase A2'
3 non-polymer 2-acetamido-2-deoxy-beta-D-glucopyranose
4 non-polymer 'ZINC ION'
5 water water
#
loop_
_entity_poly.entity_id
_entity_poly.type
_entity_poly.pdbx_seq_one_letter_code
_entity_poly.pdbx_strand_id
1 'polypeptide(L)'
;NTYQFRNMIECTVPSRSWWDFADYGCYCGCGSGTPTDDLDRCCQVHCNCYRQAGEISGCRPKFKTYTYQCSGGTLTCKGN
NNACAASSCDCDRLAAICFAGAPYNDNNYNIDLKARCN
;
A
2 'polypeptide(L)'
;NIKQFNNMIECTVPARSWWDFADYGCYCGSGSGSPTDDLDRCCQTHDNCYGAGGGSTGCAPKSRTYTYQCSQGTLTCSGE
NSACAATTCDCDRLAAICFAGAPYNDTNYNIDLKSRCQ
;
B
#
loop_
_chem_comp.id
_chem_comp.type
_chem_comp.name
_chem_comp.formula
NAG D-saccharide, beta linking 2-acetamido-2-deoxy-beta-D-glucopyranose 'C8 H15 N O6'
ZN non-polymer 'ZINC ION' 'Zn 2'
#
# COMPACT_ATOMS: atom_id res chain seq x y z
N ASN A 1 4.67 -6.80 -11.98
CA ASN A 1 5.32 -5.98 -10.92
C ASN A 1 4.91 -4.53 -11.11
N THR A 2 5.16 -3.72 -10.08
CA THR A 2 4.81 -2.31 -10.08
C THR A 2 5.20 -1.59 -11.38
N TYR A 3 6.43 -1.83 -11.84
CA TYR A 3 6.94 -1.20 -13.05
C TYR A 3 6.14 -1.53 -14.31
N GLN A 4 5.71 -2.78 -14.42
CA GLN A 4 4.92 -3.26 -15.56
C GLN A 4 3.55 -2.62 -15.53
N PHE A 5 2.95 -2.57 -14.34
CA PHE A 5 1.64 -1.96 -14.17
C PHE A 5 1.73 -0.48 -14.57
N ARG A 6 2.81 0.19 -14.21
CA ARG A 6 2.99 1.60 -14.57
C ARG A 6 2.94 1.76 -16.10
N ASN A 7 3.51 0.80 -16.81
CA ASN A 7 3.49 0.88 -18.25
C ASN A 7 2.10 0.68 -18.84
N MET A 8 1.36 -0.29 -18.31
CA MET A 8 0.03 -0.52 -18.83
C MET A 8 -0.73 0.81 -18.73
N ILE A 9 -0.57 1.49 -17.60
CA ILE A 9 -1.27 2.76 -17.39
C ILE A 9 -0.90 3.81 -18.43
N GLU A 10 0.40 4.00 -18.64
CA GLU A 10 0.88 4.96 -19.62
C GLU A 10 0.36 4.49 -20.96
N CYS A 11 0.10 3.19 -21.05
CA CYS A 11 -0.43 2.62 -22.28
C CYS A 11 -1.85 3.02 -22.58
N THR A 12 -2.73 2.75 -21.63
CA THR A 12 -4.14 3.07 -21.80
C THR A 12 -4.50 4.54 -21.61
N VAL A 13 -3.68 5.27 -20.85
CA VAL A 13 -3.91 6.68 -20.60
C VAL A 13 -2.63 7.50 -20.80
N PRO A 14 -2.21 7.69 -22.06
CA PRO A 14 -1.00 8.45 -22.41
C PRO A 14 -1.05 9.92 -22.00
N SER A 15 -2.28 10.47 -21.97
CA SER A 15 -2.50 11.87 -21.61
C SER A 15 -2.30 12.15 -20.13
N ARG A 16 -1.75 11.19 -19.40
CA ARG A 16 -1.52 11.38 -17.97
C ARG A 16 -0.29 10.70 -17.41
N SER A 17 0.30 11.34 -16.41
CA SER A 17 1.46 10.79 -15.74
C SER A 17 0.92 9.74 -14.79
N TRP A 18 1.62 8.61 -14.67
CA TRP A 18 1.13 7.58 -13.76
C TRP A 18 1.01 8.12 -12.33
N TRP A 19 1.62 9.27 -12.06
CA TRP A 19 1.54 9.84 -10.72
C TRP A 19 0.12 10.32 -10.46
N ASP A 20 -0.60 10.62 -11.53
CA ASP A 20 -1.98 11.09 -11.43
C ASP A 20 -2.86 10.03 -10.75
N PHE A 21 -2.31 8.83 -10.60
CA PHE A 21 -3.02 7.70 -10.01
C PHE A 21 -2.32 7.17 -8.76
N ALA A 22 -1.28 7.86 -8.29
CA ALA A 22 -0.57 7.36 -7.11
C ALA A 22 -1.21 7.85 -5.81
N ASP A 23 -2.14 8.79 -5.94
CA ASP A 23 -2.81 9.38 -4.79
C ASP A 23 -4.15 10.02 -5.20
N TYR A 24 -5.04 9.20 -5.77
CA TYR A 24 -6.36 9.64 -6.21
C TYR A 24 -7.47 8.92 -5.45
N GLY A 25 -8.46 9.68 -5.01
CA GLY A 25 -9.56 9.12 -4.26
C GLY A 25 -9.09 8.39 -3.02
N CYS A 26 -9.88 7.42 -2.57
CA CYS A 26 -9.56 6.63 -1.38
C CYS A 26 -8.82 5.32 -1.72
N TYR A 27 -8.79 4.93 -3.01
CA TYR A 27 -8.20 3.62 -3.36
C TYR A 27 -6.95 3.62 -4.25
N CYS A 28 -6.74 4.67 -5.05
CA CYS A 28 -5.57 4.68 -5.91
C CYS A 28 -4.35 5.01 -5.07
N GLY A 29 -3.76 3.97 -4.50
CA GLY A 29 -2.65 4.06 -3.56
C GLY A 29 -2.93 2.96 -2.57
N CYS A 30 -4.17 2.46 -2.72
CA CYS A 30 -4.87 1.38 -1.99
C CYS A 30 -5.15 1.62 -0.49
N GLY A 31 -6.43 1.59 -0.17
CA GLY A 31 -6.88 1.84 1.20
C GLY A 31 -8.28 1.28 1.53
N SER A 32 -9.19 2.17 1.95
CA SER A 32 -10.56 1.77 2.31
C SER A 32 -11.50 2.96 2.41
N GLY A 33 -12.80 2.67 2.43
CA GLY A 33 -13.83 3.70 2.50
C GLY A 33 -14.77 3.68 1.31
N THR A 34 -15.57 4.74 1.12
CA THR A 34 -16.49 4.79 -0.02
C THR A 34 -15.76 5.32 -1.26
N PRO A 35 -15.68 4.50 -2.32
CA PRO A 35 -14.98 5.02 -3.49
C PRO A 35 -15.64 6.34 -3.89
N THR A 36 -14.82 7.35 -4.11
CA THR A 36 -15.35 8.67 -4.46
C THR A 36 -15.88 8.76 -5.89
N ASP A 37 -15.56 7.80 -6.74
CA ASP A 37 -16.06 7.80 -8.11
C ASP A 37 -15.67 6.55 -8.90
N ASP A 38 -16.08 6.49 -10.16
CA ASP A 38 -15.80 5.35 -11.01
C ASP A 38 -14.33 4.98 -11.05
N LEU A 39 -13.47 5.96 -11.25
CA LEU A 39 -12.03 5.71 -11.31
C LEU A 39 -11.48 5.12 -10.00
N ASP A 40 -11.98 5.63 -8.88
CA ASP A 40 -11.57 5.19 -7.54
C ASP A 40 -11.98 3.72 -7.35
N ARG A 41 -13.19 3.39 -7.80
CA ARG A 41 -13.70 2.02 -7.71
C ARG A 41 -12.80 1.10 -8.53
N CYS A 42 -12.26 1.62 -9.62
CA CYS A 42 -11.35 0.86 -10.46
C CYS A 42 -10.22 0.37 -9.56
N CYS A 43 -9.66 1.31 -8.79
CA CYS A 43 -8.55 1.01 -7.88
C CYS A 43 -9.03 0.10 -6.76
N GLN A 44 -10.31 0.24 -6.38
CA GLN A 44 -10.87 -0.61 -5.32
C GLN A 44 -10.86 -2.07 -5.76
N VAL A 45 -11.30 -2.32 -6.98
CA VAL A 45 -11.31 -3.67 -7.53
C VAL A 45 -9.88 -4.18 -7.72
N HIS A 46 -8.95 -3.27 -7.98
CA HIS A 46 -7.57 -3.66 -8.19
C HIS A 46 -6.91 -4.13 -6.89
N CYS A 47 -7.11 -3.40 -5.79
CA CYS A 47 -6.51 -3.81 -4.50
C CYS A 47 -7.06 -5.18 -4.09
N ASN A 48 -8.38 -5.33 -4.21
CA ASN A 48 -9.02 -6.59 -3.85
C ASN A 48 -8.52 -7.73 -4.72
N CYS A 49 -8.17 -7.38 -5.95
CA CYS A 49 -7.66 -8.31 -6.94
C CYS A 49 -6.31 -8.80 -6.47
N TYR A 50 -5.49 -7.87 -5.98
CA TYR A 50 -4.17 -8.17 -5.46
C TYR A 50 -4.27 -9.05 -4.22
N ARG A 51 -5.28 -8.76 -3.40
CA ARG A 51 -5.49 -9.50 -2.16
C ARG A 51 -5.80 -10.98 -2.39
N GLN A 52 -6.54 -11.27 -3.47
CA GLN A 52 -6.89 -12.64 -3.81
C GLN A 52 -5.65 -13.34 -4.34
N ALA A 53 -4.85 -12.63 -5.13
CA ALA A 53 -3.63 -13.20 -5.70
C ALA A 53 -2.66 -13.57 -4.58
N GLY A 54 -2.70 -12.82 -3.48
CA GLY A 54 -1.82 -13.09 -2.35
C GLY A 54 -2.10 -14.44 -1.70
N GLU A 55 -3.30 -14.98 -1.96
CA GLU A 55 -3.70 -16.26 -1.40
C GLU A 55 -3.05 -17.45 -2.13
N ILE A 56 -2.34 -17.17 -3.23
CA ILE A 56 -1.63 -18.20 -3.96
C ILE A 56 -0.22 -18.21 -3.32
N SER A 57 0.13 -19.29 -2.63
CA SER A 57 1.44 -19.44 -1.97
C SER A 57 2.68 -18.95 -2.76
N GLY A 58 3.41 -18.03 -2.15
CA GLY A 58 4.57 -17.42 -2.75
C GLY A 58 4.24 -16.28 -3.73
N CYS A 59 2.99 -15.83 -3.80
CA CYS A 59 2.64 -14.77 -4.75
C CYS A 59 2.61 -13.34 -4.24
N ARG A 60 3.64 -12.57 -4.62
CA ARG A 60 3.69 -11.16 -4.22
C ARG A 60 3.29 -10.27 -5.43
N PRO A 61 1.98 -10.04 -5.62
CA PRO A 61 1.47 -9.23 -6.73
C PRO A 61 2.35 -8.01 -7.03
N LYS A 62 2.68 -7.27 -5.98
CA LYS A 62 3.49 -6.07 -6.11
C LYS A 62 4.89 -6.29 -6.73
N PHE A 63 5.37 -7.52 -6.73
CA PHE A 63 6.70 -7.80 -7.29
C PHE A 63 6.75 -8.86 -8.39
N LYS A 64 5.72 -9.69 -8.48
CA LYS A 64 5.69 -10.74 -9.50
C LYS A 64 5.83 -10.20 -10.91
N THR A 65 6.86 -10.64 -11.61
CA THR A 65 7.08 -10.20 -12.97
C THR A 65 6.27 -11.12 -13.87
N TYR A 66 5.48 -10.51 -14.75
CA TYR A 66 4.65 -11.26 -15.68
C TYR A 66 4.89 -10.90 -17.15
N THR A 67 4.27 -11.65 -18.06
CA THR A 67 4.43 -11.38 -19.48
C THR A 67 3.18 -10.71 -20.01
N TYR A 68 3.35 -9.55 -20.61
CA TYR A 68 2.24 -8.84 -21.16
C TYR A 68 2.74 -7.99 -22.29
N GLN A 69 1.81 -7.56 -23.12
CA GLN A 69 2.11 -6.70 -24.22
C GLN A 69 1.10 -5.59 -24.11
N CYS A 70 1.58 -4.35 -24.24
CA CYS A 70 0.69 -3.22 -24.18
C CYS A 70 0.92 -2.47 -25.47
N SER A 71 -0.05 -2.56 -26.38
CA SER A 71 0.07 -1.94 -27.67
C SER A 71 -1.08 -0.97 -27.98
N GLY A 72 -0.82 0.31 -27.77
CA GLY A 72 -1.82 1.34 -28.05
C GLY A 72 -3.24 1.07 -27.56
N GLY A 73 -3.46 1.27 -26.26
CA GLY A 73 -4.77 1.07 -25.67
C GLY A 73 -5.12 -0.40 -25.58
N THR A 74 -4.31 -1.21 -26.27
CA THR A 74 -4.49 -2.66 -26.31
C THR A 74 -3.55 -3.33 -25.28
N LEU A 75 -4.13 -4.13 -24.41
CA LEU A 75 -3.35 -4.83 -23.39
C LEU A 75 -3.60 -6.33 -23.51
N THR A 76 -2.51 -7.09 -23.51
CA THR A 76 -2.61 -8.52 -23.62
C THR A 76 -1.65 -9.20 -22.66
N CYS A 77 -2.21 -10.03 -21.76
CA CYS A 77 -1.43 -10.83 -20.86
C CYS A 77 -1.16 -12.12 -21.63
N LYS A 78 0.10 -12.55 -21.66
CA LYS A 78 0.48 -13.75 -22.40
C LYS A 78 0.23 -15.05 -21.66
N GLY A 79 -0.13 -16.08 -22.41
CA GLY A 79 -0.40 -17.38 -21.82
C GLY A 79 0.74 -18.00 -21.03
N ASN A 80 1.97 -17.75 -21.47
CA ASN A 80 3.16 -18.31 -20.81
C ASN A 80 3.28 -17.96 -19.33
N ASN A 81 2.21 -17.34 -18.79
CA ASN A 81 2.15 -16.94 -17.39
C ASN A 81 1.57 -18.02 -16.48
N ASN A 82 2.18 -18.18 -15.31
CA ASN A 82 1.72 -19.15 -14.33
C ASN A 82 0.53 -18.55 -13.57
N ALA A 83 -0.05 -19.34 -12.68
CA ALA A 83 -1.19 -18.91 -11.89
C ALA A 83 -1.01 -17.54 -11.22
N CYS A 84 0.11 -17.36 -10.53
CA CYS A 84 0.39 -16.11 -9.83
C CYS A 84 0.59 -14.97 -10.79
N ALA A 85 1.43 -15.19 -11.80
CA ALA A 85 1.73 -14.19 -12.80
C ALA A 85 0.51 -13.88 -13.66
N ALA A 86 -0.28 -14.91 -13.99
CA ALA A 86 -1.48 -14.79 -14.80
C ALA A 86 -2.55 -13.97 -14.08
N SER A 87 -2.70 -14.25 -12.79
CA SER A 87 -3.68 -13.55 -11.96
C SER A 87 -3.27 -12.09 -11.78
N SER A 88 -1.99 -11.88 -11.48
CA SER A 88 -1.46 -10.53 -11.28
C SER A 88 -1.64 -9.71 -12.53
N CYS A 89 -1.21 -10.27 -13.65
CA CYS A 89 -1.32 -9.58 -14.91
C CYS A 89 -2.76 -9.17 -15.25
N ASP A 90 -3.73 -10.04 -14.98
CA ASP A 90 -5.12 -9.70 -15.28
C ASP A 90 -5.64 -8.61 -14.37
N CYS A 91 -5.10 -8.51 -13.17
CA CYS A 91 -5.48 -7.46 -12.22
C CYS A 91 -5.05 -6.11 -12.84
N ASP A 92 -3.75 -5.95 -13.04
CA ASP A 92 -3.19 -4.72 -13.60
C ASP A 92 -3.81 -4.30 -14.93
N ARG A 93 -3.93 -5.26 -15.83
CA ARG A 93 -4.49 -5.02 -17.15
C ARG A 93 -5.93 -4.49 -17.04
N LEU A 94 -6.74 -5.21 -16.28
CA LEU A 94 -8.14 -4.84 -16.11
C LEU A 94 -8.25 -3.46 -15.46
N ALA A 95 -7.37 -3.20 -14.49
CA ALA A 95 -7.36 -1.91 -13.81
C ALA A 95 -6.94 -0.84 -14.81
N ALA A 96 -5.96 -1.15 -15.67
CA ALA A 96 -5.46 -0.19 -16.68
C ALA A 96 -6.57 0.15 -17.68
N ILE A 97 -7.33 -0.88 -18.05
CA ILE A 97 -8.41 -0.70 -18.99
C ILE A 97 -9.50 0.11 -18.29
N CYS A 98 -9.76 -0.23 -17.03
CA CYS A 98 -10.76 0.44 -16.20
C CYS A 98 -10.47 1.94 -16.14
N PHE A 99 -9.23 2.30 -15.84
CA PHE A 99 -8.85 3.71 -15.77
C PHE A 99 -9.21 4.41 -17.05
N ALA A 100 -8.97 3.73 -18.17
CA ALA A 100 -9.20 4.28 -19.49
C ALA A 100 -10.66 4.64 -19.76
N GLY A 101 -11.58 4.00 -19.05
CA GLY A 101 -12.99 4.29 -19.26
C GLY A 101 -13.68 5.14 -18.19
N ALA A 102 -12.93 5.56 -17.18
CA ALA A 102 -13.45 6.38 -16.08
C ALA A 102 -12.88 7.82 -16.10
N PRO A 103 -13.76 8.82 -15.97
CA PRO A 103 -13.37 10.24 -15.97
C PRO A 103 -12.38 10.49 -14.83
N TYR A 104 -11.41 11.38 -15.06
CA TYR A 104 -10.43 11.68 -14.02
C TYR A 104 -10.79 13.04 -13.45
N ASN A 105 -11.25 13.07 -12.19
CA ASN A 105 -11.66 14.32 -11.56
C ASN A 105 -10.55 14.94 -10.70
N ASP A 106 -9.95 16.02 -11.20
CA ASP A 106 -8.88 16.72 -10.48
C ASP A 106 -9.22 16.97 -9.01
N ASN A 107 -10.49 17.10 -8.69
CA ASN A 107 -10.88 17.32 -7.30
C ASN A 107 -10.50 16.10 -6.46
N ASN A 108 -10.68 14.93 -7.05
CA ASN A 108 -10.41 13.71 -6.33
C ASN A 108 -8.96 13.27 -6.19
N TYR A 109 -8.03 14.13 -6.58
CA TYR A 109 -6.60 13.80 -6.44
C TYR A 109 -6.10 14.36 -5.11
N ASN A 110 -5.25 13.59 -4.43
CA ASN A 110 -4.66 13.98 -3.15
C ASN A 110 -5.67 14.54 -2.15
N ILE A 111 -6.76 13.80 -1.95
CA ILE A 111 -7.80 14.19 -1.01
C ILE A 111 -7.37 13.77 0.40
N ASP A 112 -8.02 14.36 1.41
CA ASP A 112 -7.74 14.06 2.80
C ASP A 112 -8.30 12.68 3.12
N LEU A 113 -7.42 11.68 3.18
CA LEU A 113 -7.83 10.29 3.45
C LEU A 113 -8.34 10.08 4.86
N LYS A 114 -7.70 10.71 5.83
CA LYS A 114 -8.14 10.56 7.20
C LYS A 114 -9.60 10.98 7.34
N ALA A 115 -9.95 12.11 6.74
CA ALA A 115 -11.30 12.61 6.88
C ALA A 115 -12.30 12.09 5.86
N ARG A 116 -11.82 11.62 4.72
CA ARG A 116 -12.73 11.19 3.69
C ARG A 116 -12.89 9.70 3.43
N CYS A 117 -12.05 8.88 4.04
CA CYS A 117 -12.09 7.45 3.83
C CYS A 117 -12.24 6.71 5.14
N ASN A 118 -12.43 7.50 6.20
CA ASN A 118 -12.54 6.97 7.54
C ASN A 118 -13.87 7.33 8.17
N ASN B 1 -1.20 -8.67 11.85
CA ASN B 1 -1.72 -8.07 10.59
C ASN B 1 -1.89 -6.57 10.74
N ILE B 2 -2.28 -5.90 9.65
CA ILE B 2 -2.48 -4.46 9.66
C ILE B 2 -3.56 -4.04 10.64
N LYS B 3 -4.55 -4.88 10.87
CA LYS B 3 -5.60 -4.50 11.81
C LYS B 3 -4.95 -4.35 13.18
N GLN B 4 -4.04 -5.27 13.51
CA GLN B 4 -3.34 -5.25 14.78
C GLN B 4 -2.33 -4.11 14.81
N PHE B 5 -1.74 -3.79 13.67
CA PHE B 5 -0.78 -2.70 13.60
C PHE B 5 -1.53 -1.37 13.80
N ASN B 6 -2.69 -1.21 13.18
CA ASN B 6 -3.44 0.03 13.34
C ASN B 6 -3.59 0.29 14.83
N ASN B 7 -3.96 -0.75 15.56
CA ASN B 7 -4.15 -0.61 16.99
C ASN B 7 -2.84 -0.43 17.76
N MET B 8 -1.76 -1.10 17.32
CA MET B 8 -0.47 -0.94 17.98
C MET B 8 -0.17 0.55 18.01
N ILE B 9 -0.36 1.19 16.85
CA ILE B 9 -0.12 2.62 16.71
C ILE B 9 -0.82 3.44 17.80
N GLU B 10 -2.11 3.16 18.04
CA GLU B 10 -2.88 3.89 19.05
C GLU B 10 -2.41 3.64 20.49
N CYS B 11 -1.78 2.50 20.72
CA CYS B 11 -1.25 2.16 22.03
C CYS B 11 -0.19 3.18 22.42
N THR B 12 0.73 3.45 21.51
CA THR B 12 1.82 4.39 21.75
C THR B 12 1.45 5.85 21.46
N VAL B 13 0.48 6.05 20.59
CA VAL B 13 0.03 7.38 20.24
C VAL B 13 -1.51 7.43 20.26
N PRO B 14 -2.09 7.28 21.46
CA PRO B 14 -3.55 7.29 21.69
C PRO B 14 -4.24 8.58 21.21
N ALA B 15 -3.51 9.70 21.26
CA ALA B 15 -4.03 11.00 20.84
C ALA B 15 -4.25 11.06 19.33
N ARG B 16 -3.78 10.02 18.63
CA ARG B 16 -3.93 9.95 17.19
C ARG B 16 -4.45 8.59 16.73
N SER B 17 -4.74 8.49 15.43
CA SER B 17 -5.21 7.25 14.82
C SER B 17 -4.20 6.92 13.74
N TRP B 18 -4.23 5.69 13.26
CA TRP B 18 -3.32 5.26 12.23
C TRP B 18 -3.47 6.13 10.99
N TRP B 19 -4.69 6.64 10.79
CA TRP B 19 -5.01 7.47 9.63
C TRP B 19 -4.11 8.69 9.49
N ASP B 20 -3.59 9.20 10.61
CA ASP B 20 -2.70 10.35 10.54
C ASP B 20 -1.41 9.91 9.83
N PHE B 21 -1.19 8.59 9.78
CA PHE B 21 0.00 8.03 9.14
C PHE B 21 -0.30 7.37 7.79
N ALA B 22 -1.57 7.25 7.46
CA ALA B 22 -1.97 6.62 6.19
C ALA B 22 -1.43 7.40 4.98
N ASP B 23 -1.39 8.71 5.12
CA ASP B 23 -0.95 9.59 4.03
C ASP B 23 0.01 10.68 4.54
N TYR B 24 1.16 10.24 5.02
CA TYR B 24 2.16 11.16 5.55
C TYR B 24 3.52 11.00 4.86
N GLY B 25 4.08 12.12 4.47
CA GLY B 25 5.37 12.09 3.82
C GLY B 25 5.35 11.30 2.53
N CYS B 26 6.49 10.70 2.22
CA CYS B 26 6.61 9.93 0.99
C CYS B 26 6.56 8.42 1.17
N TYR B 27 6.05 7.99 2.31
CA TYR B 27 6.06 6.55 2.52
C TYR B 27 4.90 6.12 3.36
N CYS B 28 4.76 6.69 4.55
CA CYS B 28 3.64 6.27 5.36
C CYS B 28 2.39 6.18 4.49
N GLY B 29 2.14 4.99 3.91
CA GLY B 29 1.01 4.74 3.01
C GLY B 29 1.38 3.71 1.95
N SER B 30 2.55 3.92 1.34
CA SER B 30 3.13 3.05 0.33
C SER B 30 4.66 3.09 0.37
N GLY B 31 5.29 3.58 -0.71
CA GLY B 31 6.74 3.66 -0.78
C GLY B 31 7.36 4.23 -2.08
N SER B 32 8.21 5.25 -1.92
CA SER B 32 8.92 5.91 -3.02
C SER B 32 9.57 7.26 -2.64
N GLY B 33 10.71 7.56 -3.26
CA GLY B 33 11.39 8.82 -3.02
C GLY B 33 12.27 9.00 -1.80
N SER B 34 12.47 10.25 -1.44
CA SER B 34 13.31 10.63 -0.31
C SER B 34 12.53 10.93 0.97
N PRO B 35 12.84 10.22 2.07
CA PRO B 35 12.14 10.48 3.34
C PRO B 35 12.03 11.98 3.60
N THR B 36 10.96 12.39 4.23
CA THR B 36 10.72 13.78 4.51
C THR B 36 11.21 14.23 5.91
N ASP B 37 11.12 13.35 6.89
CA ASP B 37 11.55 13.68 8.25
C ASP B 37 11.75 12.37 8.99
N ASP B 38 11.92 12.45 10.30
CA ASP B 38 12.11 11.26 11.12
C ASP B 38 10.92 10.32 10.94
N LEU B 39 9.73 10.89 11.11
CA LEU B 39 8.48 10.14 10.98
C LEU B 39 8.41 9.40 9.64
N ASP B 40 8.57 10.14 8.54
CA ASP B 40 8.53 9.57 7.22
C ASP B 40 9.62 8.49 7.09
N ARG B 41 10.56 8.46 8.04
CA ARG B 41 11.64 7.47 8.00
C ARG B 41 11.17 6.23 8.76
N CYS B 42 10.52 6.46 9.90
CA CYS B 42 9.99 5.35 10.68
C CYS B 42 9.27 4.43 9.72
N CYS B 43 8.52 5.03 8.79
CA CYS B 43 7.75 4.27 7.83
C CYS B 43 8.60 3.57 6.78
N GLN B 44 9.71 4.19 6.41
CA GLN B 44 10.58 3.60 5.43
C GLN B 44 11.12 2.25 5.93
N THR B 45 11.70 2.22 7.13
CA THR B 45 12.23 0.97 7.63
C THR B 45 11.13 -0.01 8.02
N HIS B 46 9.92 0.48 8.33
CA HIS B 46 8.84 -0.44 8.66
C HIS B 46 8.60 -1.29 7.43
N ASP B 47 8.47 -0.62 6.29
CA ASP B 47 8.24 -1.32 5.04
C ASP B 47 9.41 -2.26 4.79
N ASN B 48 10.63 -1.78 5.03
CA ASN B 48 11.80 -2.62 4.84
C ASN B 48 11.69 -3.86 5.70
N CYS B 49 11.29 -3.67 6.95
CA CYS B 49 11.14 -4.78 7.87
C CYS B 49 10.18 -5.79 7.25
N TYR B 50 9.03 -5.32 6.76
CA TYR B 50 8.07 -6.22 6.12
C TYR B 50 8.72 -6.95 4.95
N GLY B 51 9.51 -6.22 4.17
CA GLY B 51 10.20 -6.80 3.02
C GLY B 51 11.14 -7.93 3.42
N ALA B 52 11.73 -7.80 4.61
CA ALA B 52 12.63 -8.82 5.14
C ALA B 52 11.82 -10.02 5.62
N GLY B 53 10.65 -9.73 6.18
CA GLY B 53 9.77 -10.76 6.69
C GLY B 53 9.10 -11.55 5.58
N GLY B 54 8.85 -10.90 4.44
CA GLY B 54 8.23 -11.57 3.32
C GLY B 54 9.15 -12.67 2.85
N GLY B 55 10.44 -12.47 3.10
CA GLY B 55 11.44 -13.44 2.72
C GLY B 55 11.30 -14.68 3.59
N SER B 56 10.58 -14.54 4.70
CA SER B 56 10.35 -15.68 5.57
C SER B 56 9.23 -16.49 4.91
N THR B 57 9.57 -17.71 4.51
CA THR B 57 8.63 -18.59 3.84
C THR B 57 7.17 -18.48 4.33
N GLY B 58 6.24 -18.44 3.39
CA GLY B 58 4.82 -18.35 3.73
C GLY B 58 4.36 -17.17 4.57
N CYS B 59 5.25 -16.21 4.79
CA CYS B 59 4.94 -15.05 5.62
C CYS B 59 4.31 -13.84 4.92
N ALA B 60 3.10 -13.47 5.35
CA ALA B 60 2.38 -12.33 4.79
C ALA B 60 2.05 -11.31 5.90
N PRO B 61 2.91 -10.30 6.11
CA PRO B 61 2.77 -9.24 7.11
C PRO B 61 1.35 -8.68 7.33
N LYS B 62 0.77 -8.06 6.30
CA LYS B 62 -0.58 -7.48 6.37
C LYS B 62 -1.66 -8.48 6.78
N SER B 63 -1.38 -9.77 6.66
CA SER B 63 -2.39 -10.78 6.97
C SER B 63 -2.06 -11.72 8.13
N ARG B 64 -0.80 -11.86 8.49
CA ARG B 64 -0.45 -12.77 9.57
C ARG B 64 -0.90 -12.22 10.92
N THR B 65 -1.76 -12.97 11.59
CA THR B 65 -2.26 -12.57 12.89
C THR B 65 -1.30 -13.01 14.00
N TYR B 66 -0.77 -12.05 14.77
CA TYR B 66 0.15 -12.39 15.84
C TYR B 66 -0.50 -12.16 17.22
N THR B 67 0.23 -12.52 18.27
CA THR B 67 -0.22 -12.38 19.65
C THR B 67 0.58 -11.28 20.29
N TYR B 68 -0.08 -10.16 20.56
CA TYR B 68 0.62 -9.06 21.18
C TYR B 68 -0.22 -8.52 22.31
N GLN B 69 0.34 -7.59 23.05
CA GLN B 69 -0.37 -6.96 24.15
C GLN B 69 0.05 -5.50 24.26
N CYS B 70 -0.90 -4.65 24.62
CA CYS B 70 -0.63 -3.23 24.83
C CYS B 70 -0.93 -2.94 26.29
N SER B 71 0.03 -2.35 27.00
CA SER B 71 -0.17 -2.03 28.41
C SER B 71 0.37 -0.63 28.68
N GLN B 72 -0.54 0.32 28.78
CA GLN B 72 -0.21 1.73 29.02
C GLN B 72 0.90 2.25 28.14
N GLY B 73 0.66 2.27 26.83
CA GLY B 73 1.65 2.79 25.92
C GLY B 73 2.83 1.91 25.59
N THR B 74 2.95 0.77 26.27
CA THR B 74 4.05 -0.15 25.98
C THR B 74 3.57 -1.46 25.35
N LEU B 75 4.17 -1.81 24.21
CA LEU B 75 3.82 -3.02 23.46
C LEU B 75 4.67 -4.23 23.79
N THR B 76 4.08 -5.41 23.65
CA THR B 76 4.76 -6.65 23.92
C THR B 76 4.24 -7.74 22.97
N CYS B 77 5.15 -8.38 22.24
CA CYS B 77 4.75 -9.48 21.39
C CYS B 77 4.93 -10.69 22.25
N SER B 78 3.96 -11.61 22.22
CA SER B 78 4.04 -12.79 23.07
C SER B 78 4.91 -13.88 22.45
N GLY B 79 5.27 -14.87 23.26
CA GLY B 79 6.13 -15.94 22.78
C GLY B 79 5.58 -16.98 21.83
N GLU B 80 4.32 -17.36 22.00
CA GLU B 80 3.68 -18.37 21.16
C GLU B 80 3.55 -18.00 19.68
N ASN B 81 4.18 -16.90 19.26
CA ASN B 81 4.12 -16.47 17.86
C ASN B 81 5.09 -17.27 16.98
N SER B 82 4.60 -17.70 15.82
CA SER B 82 5.41 -18.46 14.88
C SER B 82 6.49 -17.52 14.37
N ALA B 83 7.56 -18.10 13.83
CA ALA B 83 8.69 -17.32 13.30
C ALA B 83 8.23 -16.12 12.49
N CYS B 84 7.17 -16.31 11.71
CA CYS B 84 6.60 -15.29 10.87
C CYS B 84 5.84 -14.23 11.68
N ALA B 85 5.03 -14.70 12.62
CA ALA B 85 4.25 -13.79 13.47
C ALA B 85 5.17 -12.92 14.30
N ALA B 86 6.13 -13.55 14.97
CA ALA B 86 7.10 -12.88 15.82
C ALA B 86 7.85 -11.76 15.09
N THR B 87 8.27 -12.04 13.87
CA THR B 87 9.01 -11.07 13.05
C THR B 87 8.10 -9.92 12.68
N THR B 88 6.93 -10.23 12.11
CA THR B 88 5.98 -9.20 11.74
C THR B 88 5.62 -8.35 12.94
N CYS B 89 5.24 -9.02 14.02
CA CYS B 89 4.86 -8.34 15.25
C CYS B 89 5.93 -7.33 15.64
N ASP B 90 7.17 -7.78 15.74
CA ASP B 90 8.26 -6.89 16.13
C ASP B 90 8.33 -5.71 15.18
N CYS B 91 8.23 -5.98 13.89
CA CYS B 91 8.26 -4.91 12.89
C CYS B 91 7.29 -3.81 13.33
N ASP B 92 6.05 -4.22 13.55
CA ASP B 92 4.96 -3.31 13.95
C ASP B 92 5.18 -2.59 15.27
N ARG B 93 5.65 -3.27 16.30
CA ARG B 93 5.84 -2.57 17.57
C ARG B 93 7.00 -1.58 17.50
N LEU B 94 8.03 -1.88 16.70
CA LEU B 94 9.17 -0.97 16.57
C LEU B 94 8.72 0.26 15.79
N ALA B 95 7.83 0.04 14.84
CA ALA B 95 7.30 1.13 14.03
C ALA B 95 6.44 1.99 14.92
N ALA B 96 5.56 1.34 15.68
CA ALA B 96 4.66 2.04 16.58
C ALA B 96 5.46 2.89 17.56
N ILE B 97 6.54 2.29 18.09
CA ILE B 97 7.41 2.97 19.05
C ILE B 97 8.13 4.13 18.39
N CYS B 98 8.50 3.94 17.13
CA CYS B 98 9.21 4.96 16.36
C CYS B 98 8.27 6.13 16.03
N PHE B 99 6.98 5.85 15.85
CA PHE B 99 6.03 6.91 15.53
C PHE B 99 5.78 7.83 16.72
N ALA B 100 5.67 7.24 17.90
CA ALA B 100 5.43 8.00 19.10
C ALA B 100 6.56 8.99 19.39
N GLY B 101 7.79 8.60 19.10
CA GLY B 101 8.93 9.47 19.36
C GLY B 101 9.26 10.52 18.32
N ALA B 102 8.88 10.27 17.07
CA ALA B 102 9.15 11.21 16.00
C ALA B 102 8.16 12.38 16.03
N PRO B 103 8.57 13.54 15.51
CA PRO B 103 7.69 14.72 15.48
C PRO B 103 6.68 14.58 14.34
N TYR B 104 5.46 15.08 14.57
CA TYR B 104 4.42 15.00 13.54
C TYR B 104 4.28 16.39 12.95
N ASN B 105 4.55 16.51 11.66
CA ASN B 105 4.47 17.80 11.00
C ASN B 105 3.24 17.87 10.10
N ASP B 106 2.27 18.72 10.45
CA ASP B 106 1.06 18.85 9.64
C ASP B 106 1.40 19.17 8.19
N THR B 107 2.46 19.92 8.00
CA THR B 107 2.92 20.34 6.67
C THR B 107 3.33 19.15 5.78
N ASN B 108 3.67 18.02 6.38
CA ASN B 108 4.08 16.85 5.63
C ASN B 108 2.98 15.79 5.51
N TYR B 109 1.75 16.21 5.76
CA TYR B 109 0.60 15.30 5.66
C TYR B 109 -0.21 15.71 4.43
N ASN B 110 -0.70 14.73 3.70
CA ASN B 110 -1.51 15.03 2.52
C ASN B 110 -0.70 15.78 1.45
N ILE B 111 0.61 15.51 1.37
CA ILE B 111 1.49 16.18 0.40
C ILE B 111 1.37 15.67 -1.05
N ASP B 112 1.68 16.53 -2.02
CA ASP B 112 1.64 16.17 -3.43
C ASP B 112 2.92 15.36 -3.70
N LEU B 113 2.77 14.03 -3.69
CA LEU B 113 3.88 13.10 -3.90
C LEU B 113 4.58 13.30 -5.24
N LYS B 114 3.80 13.59 -6.28
CA LYS B 114 4.33 13.79 -7.63
C LYS B 114 5.35 14.91 -7.70
N SER B 115 5.54 15.62 -6.59
CA SER B 115 6.48 16.73 -6.55
C SER B 115 7.55 16.58 -5.46
N ARG B 116 7.35 15.66 -4.52
CA ARG B 116 8.32 15.53 -3.44
C ARG B 116 8.87 14.13 -3.26
N CYS B 117 8.36 13.16 -4.03
CA CYS B 117 8.80 11.78 -3.86
C CYS B 117 9.47 11.10 -5.05
N GLN B 118 9.99 11.86 -6.01
CA GLN B 118 10.63 11.23 -7.16
C GLN B 118 11.96 10.59 -6.80
C1 NAG C . -0.33 0.70 -6.90
C2 NAG C . -0.06 1.32 -8.29
C3 NAG C . -0.94 2.55 -8.50
C4 NAG C . -2.41 2.19 -8.28
C5 NAG C . -2.56 1.61 -6.86
C6 NAG C . -3.99 1.22 -6.53
C7 NAG C . 1.87 1.96 -9.59
C8 NAG C . 3.33 2.36 -9.62
N2 NAG C . 1.33 1.71 -8.40
O1 NAG C . 0.36 -0.49 -6.78
O3 NAG C . -0.78 3.04 -9.83
O4 NAG C . -3.22 3.35 -8.43
O5 NAG C . -1.74 0.43 -6.73
O6 NAG C . -4.49 0.24 -7.42
O7 NAG C . 1.24 1.86 -10.64
ZN ZN D . -2.40 12.05 -0.25
ZN ZN E . 2.69 -7.62 -30.36
#